data_5CRC
#
_entry.id   5CRC
#
_cell.length_a   36.542
_cell.length_b   63.340
_cell.length_c   136.508
_cell.angle_alpha   90.00
_cell.angle_beta   90.00
_cell.angle_gamma   90.00
#
_symmetry.space_group_name_H-M   'P 21 21 21'
#
_entity_poly.entity_id   1
_entity_poly.type   'polypeptide(L)'
_entity_poly.pdbx_seq_one_letter_code
;(MSE)PKYVEGVELTQEG(MSE)HAIFAR(MSE)GYGDITSGSIYNGVPTIDTGALNRQGF(MSE)PVLTGVGPHRDSGH
WI(MSE)LIKGPGNQYYLFDPLGKTSGEGYQNILAAQLP(MSE)GSTLSVIPNGSGLN(MSE)GLCGYWVASAGLRAHQA
LNQHNPPTLLNVGQTITNE(MSE)RNELDHDGYRKITGWLRAVADEFPEGDPQLDGKALRENTEK
;
_entity_poly.pdbx_strand_id   A,B
#
# COMPACT_ATOMS: atom_id res chain seq x y z
N VAL A 5 24.81 2.56 -1.13
CA VAL A 5 23.71 2.09 -1.96
C VAL A 5 22.45 1.83 -1.13
N GLU A 6 21.36 2.51 -1.48
CA GLU A 6 20.06 2.25 -0.85
C GLU A 6 18.89 2.56 -1.77
N GLY A 7 17.82 1.78 -1.65
CA GLY A 7 16.59 2.03 -2.38
C GLY A 7 15.35 1.50 -1.64
N VAL A 8 14.24 2.23 -1.70
CA VAL A 8 12.93 1.60 -1.49
C VAL A 8 11.84 2.08 -2.49
N GLU A 9 11.35 3.28 -2.21
CA GLU A 9 10.34 4.06 -2.95
C GLU A 9 9.08 3.37 -3.50
N LEU A 10 8.36 4.11 -4.36
CA LEU A 10 7.36 3.64 -5.32
C LEU A 10 7.75 3.96 -6.78
N THR A 11 8.92 4.59 -6.90
CA THR A 11 9.34 5.60 -7.89
C THR A 11 8.41 6.85 -7.95
N GLN A 12 8.58 7.69 -8.97
CA GLN A 12 7.77 8.93 -9.07
C GLN A 12 7.48 9.54 -10.45
N GLU A 13 8.48 10.29 -10.95
CA GLU A 13 8.48 10.90 -12.28
C GLU A 13 9.33 10.01 -13.16
N GLY A 14 9.89 8.98 -12.52
CA GLY A 14 10.51 7.88 -13.22
C GLY A 14 9.41 6.95 -13.67
N MSE A 15 8.17 7.36 -13.42
CA MSE A 15 6.99 6.73 -14.00
C MSE A 15 6.88 7.13 -15.46
O MSE A 15 6.68 6.29 -16.33
CB MSE A 15 5.72 7.16 -13.28
CG MSE A 15 4.50 6.41 -13.75
SE MSE A 15 4.87 4.51 -13.64
CE MSE A 15 3.18 3.81 -14.24
N HIS A 16 6.99 8.43 -15.72
CA HIS A 16 6.98 8.93 -17.09
C HIS A 16 8.22 8.45 -17.84
N ALA A 17 9.26 8.10 -17.09
CA ALA A 17 10.53 7.68 -17.68
C ALA A 17 10.45 6.27 -18.23
N ILE A 18 9.86 5.35 -17.47
CA ILE A 18 9.68 3.98 -17.96
C ILE A 18 8.65 3.90 -19.10
N PHE A 19 7.72 4.85 -19.14
CA PHE A 19 6.74 4.90 -20.22
C PHE A 19 7.40 5.30 -21.53
N ALA A 20 8.18 6.37 -21.50
CA ALA A 20 8.85 6.89 -22.69
C ALA A 20 9.82 5.88 -23.31
N ARG A 21 10.36 4.97 -22.49
CA ARG A 21 11.21 3.89 -23.00
C ARG A 21 10.40 2.91 -23.84
N MSE A 22 9.10 2.89 -23.59
CA MSE A 22 8.20 1.98 -24.28
C MSE A 22 7.58 2.65 -25.49
O MSE A 22 6.66 2.10 -26.13
CB MSE A 22 7.14 1.44 -23.31
CG MSE A 22 7.77 0.83 -22.06
SE MSE A 22 6.51 0.23 -20.71
CE MSE A 22 5.67 -1.18 -21.78
N GLY A 23 8.07 3.84 -25.83
CA GLY A 23 7.47 4.65 -26.86
C GLY A 23 6.35 5.43 -26.25
N TYR A 24 5.24 5.59 -26.98
CA TYR A 24 4.03 6.22 -26.46
C TYR A 24 4.17 7.74 -26.20
N GLY A 25 5.39 8.25 -26.21
CA GLY A 25 5.64 9.65 -25.93
C GLY A 25 5.72 9.90 -24.43
N ASP A 26 5.64 11.16 -24.03
CA ASP A 26 5.58 11.50 -22.61
C ASP A 26 4.13 11.75 -22.21
N ILE A 27 3.70 11.08 -21.15
CA ILE A 27 2.29 10.93 -20.87
C ILE A 27 1.80 11.90 -19.81
N THR A 28 0.54 12.31 -19.93
CA THR A 28 -0.10 13.09 -18.89
C THR A 28 -0.54 12.15 -17.77
N SER A 29 -0.05 12.41 -16.56
CA SER A 29 -0.39 11.61 -15.40
C SER A 29 -1.65 12.11 -14.72
N GLY A 30 -1.95 11.54 -13.56
CA GLY A 30 -3.05 11.99 -12.73
C GLY A 30 -2.71 11.73 -11.28
N SER A 31 -3.52 12.20 -10.36
CA SER A 31 -3.24 12.00 -8.95
C SER A 31 -4.46 12.04 -8.05
N ILE A 32 -4.32 11.50 -6.84
CA ILE A 32 -5.19 11.87 -5.74
C ILE A 32 -4.28 12.33 -4.63
N TYR A 33 -4.29 13.62 -4.35
CA TYR A 33 -3.40 14.22 -3.38
C TYR A 33 -4.25 14.85 -2.29
N ASN A 34 -4.16 14.27 -1.10
CA ASN A 34 -4.95 14.71 0.05
C ASN A 34 -6.44 14.54 -0.21
N GLY A 35 -6.78 13.61 -1.09
CA GLY A 35 -8.17 13.30 -1.37
C GLY A 35 -8.74 14.02 -2.59
N VAL A 36 -7.92 14.79 -3.29
CA VAL A 36 -8.41 15.54 -4.44
C VAL A 36 -7.92 14.95 -5.76
N PRO A 37 -8.82 14.29 -6.51
CA PRO A 37 -8.48 13.74 -7.83
C PRO A 37 -8.09 14.83 -8.81
N THR A 38 -6.92 14.70 -9.44
CA THR A 38 -6.49 15.63 -10.48
C THR A 38 -6.73 15.05 -11.87
N ILE A 39 -7.31 13.85 -11.94
CA ILE A 39 -7.42 13.17 -13.22
C ILE A 39 -8.56 13.72 -14.08
N ASP A 40 -8.20 14.28 -15.23
CA ASP A 40 -9.16 14.72 -16.23
C ASP A 40 -8.46 14.80 -17.59
N THR A 41 -9.20 14.70 -18.68
CA THR A 41 -10.35 13.79 -18.84
C THR A 41 -10.17 13.18 -20.21
N GLY A 42 -10.26 14.01 -21.25
CA GLY A 42 -10.16 13.58 -22.63
C GLY A 42 -8.75 13.24 -23.08
N ALA A 43 -7.75 13.83 -22.42
CA ALA A 43 -6.36 13.46 -22.66
C ALA A 43 -6.17 11.97 -22.36
N LEU A 44 -6.97 11.47 -21.43
CA LEU A 44 -7.00 10.05 -21.14
C LEU A 44 -7.66 9.30 -22.31
N ASN A 45 -8.77 9.82 -22.80
CA ASN A 45 -9.50 9.18 -23.90
C ASN A 45 -8.66 9.01 -25.17
N ARG A 46 -7.79 9.99 -25.45
CA ARG A 46 -6.88 9.90 -26.59
C ARG A 46 -5.67 9.02 -26.28
N GLN A 47 -5.24 9.03 -25.02
CA GLN A 47 -4.12 8.20 -24.58
C GLN A 47 -4.55 6.76 -24.37
N GLY A 48 -5.71 6.57 -23.78
CA GLY A 48 -6.19 5.24 -23.45
C GLY A 48 -5.81 4.82 -22.03
N PHE A 49 -4.86 5.54 -21.42
CA PHE A 49 -4.38 5.21 -20.06
C PHE A 49 -3.88 6.45 -19.31
N MSE A 50 -4.11 6.56 -17.99
CA MSE A 50 -3.65 7.77 -17.30
C MSE A 50 -2.10 7.89 -17.16
O MSE A 50 -1.50 8.62 -17.95
CB MSE A 50 -4.42 8.01 -15.98
CG MSE A 50 -4.50 9.47 -15.52
SE MSE A 50 -5.06 10.68 -16.97
CE MSE A 50 -5.34 12.33 -15.97
N PRO A 51 -1.43 7.11 -16.27
CA PRO A 51 -1.71 6.34 -15.05
C PRO A 51 -1.86 7.30 -13.86
N VAL A 52 -2.39 6.81 -12.73
CA VAL A 52 -2.64 7.66 -11.56
C VAL A 52 -1.77 7.35 -10.35
N LEU A 53 -1.23 8.39 -9.70
CA LEU A 53 -0.57 8.25 -8.40
C LEU A 53 -1.54 8.54 -7.26
N THR A 54 -1.81 7.53 -6.43
CA THR A 54 -2.77 7.66 -5.33
C THR A 54 -2.08 7.75 -3.98
N GLY A 55 -2.88 7.88 -2.92
CA GLY A 55 -2.39 7.77 -1.56
C GLY A 55 -1.34 8.77 -1.15
N VAL A 56 -1.19 9.84 -1.93
CA VAL A 56 -0.17 10.85 -1.67
C VAL A 56 -0.82 12.09 -1.06
N GLY A 57 -0.06 12.82 -0.24
CA GLY A 57 -0.55 14.02 0.40
C GLY A 57 0.61 14.87 0.88
N PRO A 58 0.32 15.91 1.66
CA PRO A 58 1.38 16.78 2.22
C PRO A 58 2.23 16.01 3.20
N HIS A 59 1.64 14.96 3.76
CA HIS A 59 2.27 14.08 4.72
C HIS A 59 2.94 12.89 4.02
N ARG A 60 2.14 12.10 3.33
CA ARG A 60 2.62 10.92 2.65
C ARG A 60 3.38 11.34 1.40
N ASP A 61 4.66 10.98 1.34
CA ASP A 61 5.57 11.46 0.30
C ASP A 61 5.79 10.52 -0.87
N SER A 62 5.21 9.31 -0.83
CA SER A 62 5.40 8.43 -1.97
C SER A 62 4.11 8.14 -2.74
N GLY A 63 3.30 7.20 -2.29
CA GLY A 63 2.01 7.02 -2.92
C GLY A 63 1.56 5.58 -3.11
N HIS A 64 0.53 5.40 -3.93
CA HIS A 64 0.26 4.10 -4.55
C HIS A 64 -0.08 4.31 -6.03
N TRP A 65 0.72 3.75 -6.92
CA TRP A 65 0.49 3.91 -8.35
C TRP A 65 -0.57 2.94 -8.82
N ILE A 66 -1.53 3.44 -9.59
CA ILE A 66 -2.48 2.58 -10.29
C ILE A 66 -2.62 3.08 -11.73
N MSE A 67 -3.40 2.36 -12.53
CA MSE A 67 -3.56 2.68 -13.95
C MSE A 67 -5.02 2.82 -14.31
O MSE A 67 -5.84 1.95 -14.02
CB MSE A 67 -2.98 1.56 -14.82
CG MSE A 67 -3.09 1.78 -16.33
SE MSE A 67 -1.87 3.11 -17.08
CE MSE A 67 -1.03 1.97 -18.43
N LEU A 68 -5.36 3.94 -14.95
CA LEU A 68 -6.69 4.11 -15.52
C LEU A 68 -6.64 3.58 -16.95
N ILE A 69 -7.62 2.76 -17.32
CA ILE A 69 -7.72 2.25 -18.67
C ILE A 69 -9.06 2.66 -19.27
N LYS A 70 -9.07 2.96 -20.57
CA LYS A 70 -10.28 3.27 -21.30
C LYS A 70 -10.64 2.08 -22.17
N GLY A 71 -11.87 1.58 -22.02
CA GLY A 71 -12.37 0.48 -22.84
C GLY A 71 -13.37 0.95 -23.87
N PRO A 72 -13.98 0.01 -24.60
CA PRO A 72 -14.87 0.30 -25.73
C PRO A 72 -16.26 0.75 -25.29
N GLY A 73 -16.88 1.63 -26.06
CA GLY A 73 -18.13 2.24 -25.66
C GLY A 73 -17.92 3.13 -24.46
N ASN A 74 -18.68 2.89 -23.40
CA ASN A 74 -18.59 3.68 -22.17
C ASN A 74 -17.68 3.07 -21.11
N GLN A 75 -17.05 1.95 -21.43
CA GLN A 75 -16.26 1.24 -20.44
C GLN A 75 -14.91 1.89 -20.13
N TYR A 76 -14.59 1.94 -18.84
CA TYR A 76 -13.29 2.34 -18.33
C TYR A 76 -12.86 1.29 -17.32
N TYR A 77 -11.55 1.09 -17.16
CA TYR A 77 -11.05 0.07 -16.25
C TYR A 77 -10.05 0.61 -15.25
N LEU A 78 -9.89 -0.10 -14.14
CA LEU A 78 -8.92 0.28 -13.11
C LEU A 78 -7.96 -0.90 -12.85
N PHE A 79 -6.67 -0.71 -13.14
CA PHE A 79 -5.67 -1.72 -12.81
C PHE A 79 -4.78 -1.31 -11.65
N ASP A 80 -5.01 -1.94 -10.51
CA ASP A 80 -4.17 -1.79 -9.34
C ASP A 80 -3.47 -3.11 -9.12
N PRO A 81 -2.13 -3.12 -9.04
CA PRO A 81 -1.67 -4.51 -8.90
C PRO A 81 -1.81 -5.07 -7.48
N LEU A 82 -2.88 -4.67 -6.79
CA LEU A 82 -3.81 -5.50 -6.03
C LEU A 82 -5.08 -4.65 -6.18
N GLY A 83 -6.12 -5.01 -6.91
CA GLY A 83 -6.47 -6.29 -7.51
C GLY A 83 -7.77 -6.84 -6.95
N LYS A 84 -8.11 -6.48 -5.72
CA LYS A 84 -9.50 -6.47 -5.26
C LYS A 84 -9.68 -5.23 -4.40
N THR A 85 -9.03 -5.31 -3.25
CA THR A 85 -8.78 -4.21 -2.37
C THR A 85 -7.89 -3.28 -3.16
N SER A 86 -7.83 -1.99 -2.78
CA SER A 86 -6.98 -1.06 -3.52
C SER A 86 -7.39 -0.97 -4.98
N GLY A 87 -8.39 -0.14 -5.26
CA GLY A 87 -8.96 -0.03 -6.59
C GLY A 87 -10.41 -0.42 -6.61
N GLU A 88 -10.86 -1.08 -5.56
CA GLU A 88 -12.26 -0.98 -5.19
C GLU A 88 -12.30 0.14 -4.18
N GLY A 89 -11.11 0.56 -3.75
CA GLY A 89 -10.97 1.62 -2.79
C GLY A 89 -10.81 2.95 -3.48
N TYR A 90 -10.38 2.91 -4.74
CA TYR A 90 -10.31 4.12 -5.56
C TYR A 90 -11.49 4.27 -6.54
N GLN A 91 -12.35 3.25 -6.60
CA GLN A 91 -13.45 3.21 -7.56
C GLN A 91 -14.35 4.45 -7.52
N ASN A 92 -15.09 4.60 -6.44
CA ASN A 92 -16.08 5.68 -6.32
C ASN A 92 -15.50 7.10 -6.53
N ILE A 93 -14.25 7.26 -6.13
CA ILE A 93 -13.56 8.55 -6.24
C ILE A 93 -13.18 8.81 -7.70
N LEU A 94 -12.37 7.93 -8.26
CA LEU A 94 -11.89 8.06 -9.63
C LEU A 94 -12.99 8.03 -10.69
N ALA A 95 -13.97 7.14 -10.52
CA ALA A 95 -15.06 7.02 -11.48
C ALA A 95 -15.91 8.29 -11.58
N ALA A 96 -15.77 9.19 -10.61
CA ALA A 96 -16.54 10.43 -10.64
C ALA A 96 -16.02 11.43 -11.69
N GLN A 97 -14.75 11.28 -12.08
CA GLN A 97 -14.10 12.26 -12.96
C GLN A 97 -14.20 11.92 -14.44
N LEU A 98 -14.80 10.77 -14.72
CA LEU A 98 -15.02 10.34 -16.10
C LEU A 98 -16.31 10.97 -16.61
N PRO A 99 -16.50 11.00 -17.96
CA PRO A 99 -17.74 11.54 -18.53
C PRO A 99 -18.97 10.82 -18.01
N MSE A 100 -20.15 11.45 -18.10
CA MSE A 100 -21.37 11.00 -17.41
C MSE A 100 -21.73 9.52 -17.47
O MSE A 100 -21.80 8.85 -16.44
CB MSE A 100 -22.58 11.83 -17.86
CG MSE A 100 -22.73 13.15 -17.13
SE MSE A 100 -24.57 13.83 -17.21
CE MSE A 100 -24.53 14.66 -18.97
N GLY A 101 -21.96 9.01 -18.67
CA GLY A 101 -22.45 7.65 -18.84
C GLY A 101 -21.37 6.57 -18.77
N SER A 102 -20.24 6.89 -18.18
CA SER A 102 -19.12 5.95 -18.12
C SER A 102 -19.16 4.99 -16.93
N THR A 103 -18.72 3.75 -17.17
CA THR A 103 -18.68 2.72 -16.13
C THR A 103 -17.24 2.35 -15.79
N LEU A 104 -16.90 2.33 -14.51
CA LEU A 104 -15.54 1.93 -14.10
C LEU A 104 -15.51 0.56 -13.42
N SER A 105 -14.95 -0.42 -14.12
CA SER A 105 -14.84 -1.78 -13.58
C SER A 105 -13.42 -2.08 -13.14
N VAL A 106 -13.29 -2.69 -11.98
CA VAL A 106 -11.98 -3.00 -11.45
C VAL A 106 -11.52 -4.39 -11.88
N ILE A 107 -10.39 -4.43 -12.57
CA ILE A 107 -9.74 -5.66 -12.99
C ILE A 107 -9.54 -6.59 -11.80
N PRO A 108 -9.98 -7.85 -11.93
CA PRO A 108 -9.91 -8.85 -10.86
C PRO A 108 -8.55 -9.54 -10.76
N ASN A 109 -7.46 -8.77 -10.71
CA ASN A 109 -6.14 -9.38 -10.59
C ASN A 109 -5.78 -9.72 -9.13
N GLY A 110 -4.66 -10.41 -8.97
CA GLY A 110 -4.33 -11.12 -7.74
C GLY A 110 -3.16 -10.62 -6.90
N SER A 111 -2.70 -9.42 -7.19
CA SER A 111 -1.64 -8.76 -6.41
C SER A 111 -0.25 -9.38 -6.36
N GLY A 112 0.47 -9.40 -7.48
CA GLY A 112 1.85 -8.97 -7.45
C GLY A 112 2.69 -9.55 -6.32
N LEU A 113 3.06 -8.63 -5.45
CA LEU A 113 3.90 -8.80 -4.28
C LEU A 113 3.42 -9.63 -3.07
N ASN A 114 2.13 -9.95 -2.96
CA ASN A 114 1.63 -10.65 -1.76
C ASN A 114 1.84 -9.85 -0.46
N MSE A 115 1.02 -8.82 -0.30
CA MSE A 115 1.12 -7.86 0.80
C MSE A 115 1.03 -8.44 2.20
O MSE A 115 1.32 -7.74 3.17
CB MSE A 115 0.06 -6.77 0.63
CG MSE A 115 0.35 -5.85 -0.52
SE MSE A 115 2.23 -5.29 -0.53
CE MSE A 115 2.11 -3.92 0.84
N GLY A 116 0.61 -9.70 2.30
CA GLY A 116 0.47 -10.37 3.58
C GLY A 116 1.74 -10.32 4.41
N LEU A 117 2.88 -10.27 3.73
CA LEU A 117 4.17 -10.27 4.40
C LEU A 117 4.35 -9.11 5.39
N CYS A 118 3.73 -7.97 5.07
CA CYS A 118 3.81 -6.77 5.89
C CYS A 118 3.28 -7.00 7.28
N GLY A 119 2.11 -7.64 7.36
CA GLY A 119 1.51 -7.95 8.63
C GLY A 119 2.36 -8.90 9.43
N TYR A 120 3.02 -9.83 8.72
CA TYR A 120 3.97 -10.74 9.36
C TYR A 120 5.10 -9.95 10.00
N TRP A 121 5.66 -9.00 9.25
CA TRP A 121 6.80 -8.22 9.69
C TRP A 121 6.45 -7.22 10.78
N VAL A 122 5.18 -6.83 10.84
CA VAL A 122 4.70 -5.97 11.90
C VAL A 122 4.71 -6.74 13.21
N ALA A 123 4.36 -8.01 13.11
CA ALA A 123 4.47 -8.92 14.24
C ALA A 123 5.93 -9.29 14.46
N SER A 124 6.48 -10.01 13.48
CA SER A 124 7.85 -10.52 13.52
C SER A 124 8.87 -9.48 13.92
N ALA A 125 9.09 -8.49 13.06
CA ALA A 125 10.15 -7.50 13.28
C ALA A 125 9.68 -6.32 14.13
N GLY A 126 8.38 -6.17 14.29
CA GLY A 126 7.84 -5.04 15.03
C GLY A 126 8.00 -5.16 16.53
N LEU A 127 7.72 -6.34 17.07
CA LEU A 127 7.93 -6.56 18.50
C LEU A 127 9.32 -7.08 18.75
N ARG A 128 10.02 -7.41 17.66
CA ARG A 128 11.45 -7.69 17.77
C ARG A 128 12.16 -6.37 18.03
N ALA A 129 11.55 -5.29 17.54
CA ALA A 129 12.03 -3.95 17.81
C ALA A 129 11.80 -3.63 19.29
N HIS A 130 10.58 -3.89 19.76
CA HIS A 130 10.29 -3.78 21.18
C HIS A 130 11.23 -4.69 21.95
N GLN A 131 11.51 -5.85 21.37
CA GLN A 131 12.44 -6.80 21.97
C GLN A 131 13.85 -6.22 22.02
N ALA A 132 14.05 -5.08 21.36
CA ALA A 132 15.39 -4.49 21.22
C ALA A 132 15.53 -3.09 21.81
N LEU A 133 14.95 -2.10 21.15
CA LEU A 133 15.15 -0.72 21.58
C LEU A 133 14.35 -0.31 22.81
N ASN A 134 13.20 -0.95 23.05
CA ASN A 134 12.44 -0.64 24.25
C ASN A 134 11.98 -1.84 25.07
N GLN A 135 12.61 -2.06 26.21
CA GLN A 135 13.77 -1.29 26.58
C GLN A 135 15.00 -2.17 26.75
N HIS A 136 16.14 -1.52 26.89
CA HIS A 136 17.43 -2.13 27.23
C HIS A 136 18.38 -0.96 27.38
N ASN A 137 19.67 -1.24 27.29
CA ASN A 137 20.67 -0.19 27.23
C ASN A 137 21.06 -0.25 25.75
N PRO A 138 20.14 0.26 24.91
CA PRO A 138 19.81 -0.06 23.52
C PRO A 138 20.74 0.49 22.45
N PRO A 139 20.66 -0.10 21.25
CA PRO A 139 21.36 0.42 20.07
C PRO A 139 20.61 1.65 19.56
N THR A 140 21.12 2.29 18.52
CA THR A 140 20.51 3.52 18.01
C THR A 140 19.29 3.21 17.16
N LEU A 141 18.60 4.27 16.75
CA LEU A 141 17.40 4.13 15.91
C LEU A 141 17.84 3.79 14.50
N LEU A 142 18.98 4.33 14.09
CA LEU A 142 19.54 4.00 12.79
C LEU A 142 19.93 2.54 12.79
N ASN A 143 20.51 2.09 13.90
CA ASN A 143 20.98 0.72 13.99
C ASN A 143 19.84 -0.28 13.98
N VAL A 144 18.70 0.10 14.53
CA VAL A 144 17.57 -0.81 14.58
C VAL A 144 16.89 -0.92 13.21
N GLY A 145 16.77 0.22 12.52
CA GLY A 145 16.22 0.24 11.17
C GLY A 145 17.11 -0.49 10.19
N GLN A 146 18.41 -0.49 10.46
CA GLN A 146 19.38 -1.16 9.60
C GLN A 146 19.34 -2.67 9.81
N THR A 147 19.12 -3.08 11.05
CA THR A 147 18.95 -4.49 11.36
C THR A 147 17.72 -5.00 10.65
N ILE A 148 16.60 -4.30 10.89
CA ILE A 148 15.29 -4.68 10.37
C ILE A 148 15.24 -4.71 8.84
N THR A 149 15.81 -3.70 8.20
CA THR A 149 15.88 -3.67 6.74
C THR A 149 16.65 -4.87 6.21
N ASN A 150 17.77 -5.22 6.84
CA ASN A 150 18.48 -6.43 6.45
C ASN A 150 17.65 -7.67 6.74
N GLU A 151 17.03 -7.72 7.91
CA GLU A 151 16.22 -8.88 8.28
C GLU A 151 15.02 -9.03 7.35
N MSE A 152 14.41 -7.90 7.00
CA MSE A 152 13.22 -7.95 6.17
C MSE A 152 13.51 -8.43 4.76
O MSE A 152 12.79 -9.29 4.26
CB MSE A 152 12.50 -6.60 6.14
CG MSE A 152 11.47 -6.50 7.24
SE MSE A 152 10.28 -5.07 6.85
CE MSE A 152 11.62 -3.65 6.77
N ARG A 153 14.55 -7.91 4.12
CA ARG A 153 14.94 -8.56 2.89
C ARG A 153 16.12 -9.42 3.30
N ASN A 154 15.79 -10.59 3.81
CA ASN A 154 16.70 -11.71 4.03
C ASN A 154 15.89 -12.96 3.77
N GLU A 155 14.85 -13.10 4.58
CA GLU A 155 13.89 -14.20 4.49
C GLU A 155 13.41 -14.42 3.07
N LEU A 156 13.14 -13.33 2.35
CA LEU A 156 12.77 -13.46 0.93
C LEU A 156 13.96 -13.88 0.08
N PRO B 2 -8.07 -13.01 -6.80
CA PRO B 2 -8.37 -14.39 -6.46
C PRO B 2 -9.54 -14.53 -5.49
N LYS B 3 -10.33 -15.59 -5.65
CA LYS B 3 -11.37 -15.92 -4.68
C LYS B 3 -10.69 -16.39 -3.38
N TYR B 4 -9.63 -17.17 -3.54
CA TYR B 4 -8.80 -17.61 -2.42
C TYR B 4 -7.94 -16.39 -2.08
N VAL B 5 -6.97 -16.53 -1.18
CA VAL B 5 -6.10 -15.38 -0.94
C VAL B 5 -4.83 -15.45 -1.78
N GLU B 6 -4.77 -14.59 -2.78
CA GLU B 6 -3.54 -13.94 -3.21
C GLU B 6 -3.94 -12.52 -3.60
N GLY B 7 -3.38 -11.50 -2.95
CA GLY B 7 -2.71 -11.65 -1.67
C GLY B 7 -2.95 -10.28 -1.06
N VAL B 8 -2.98 -10.20 0.26
CA VAL B 8 -3.55 -9.02 0.90
C VAL B 8 -2.99 -8.81 2.29
N GLU B 9 -3.13 -7.59 2.78
CA GLU B 9 -2.81 -7.29 4.16
C GLU B 9 -3.65 -8.17 5.08
N LEU B 10 -3.03 -8.61 6.16
CA LEU B 10 -3.68 -9.52 7.09
C LEU B 10 -4.95 -8.90 7.66
N THR B 11 -5.99 -9.70 7.83
CA THR B 11 -7.20 -9.26 8.52
C THR B 11 -6.89 -9.18 10.01
N GLN B 12 -7.71 -8.43 10.74
CA GLN B 12 -7.59 -8.32 12.18
C GLN B 12 -7.48 -9.71 12.82
N GLU B 13 -8.30 -10.64 12.32
CA GLU B 13 -8.28 -12.02 12.76
C GLU B 13 -6.92 -12.67 12.51
N GLY B 14 -6.32 -12.36 11.37
CA GLY B 14 -5.03 -12.94 10.99
C GLY B 14 -3.86 -12.40 11.80
N MSE B 15 -3.97 -11.15 12.21
CA MSE B 15 -2.92 -10.52 13.00
C MSE B 15 -2.85 -11.15 14.39
O MSE B 15 -1.79 -11.60 14.81
CB MSE B 15 -3.19 -9.02 13.13
CG MSE B 15 -2.00 -8.21 13.60
SE MSE B 15 -0.40 -8.44 12.49
CE MSE B 15 -1.21 -8.05 10.79
N HIS B 16 -3.98 -11.19 15.08
CA HIS B 16 -4.05 -11.82 16.38
C HIS B 16 -3.61 -13.28 16.28
N ALA B 17 -3.95 -13.92 15.16
CA ALA B 17 -3.60 -15.32 14.94
C ALA B 17 -2.09 -15.53 14.89
N ILE B 18 -1.39 -14.64 14.20
CA ILE B 18 0.06 -14.74 14.12
C ILE B 18 0.72 -14.35 15.45
N PHE B 19 0.12 -13.38 16.14
CA PHE B 19 0.62 -12.95 17.44
C PHE B 19 0.54 -14.07 18.46
N ALA B 20 -0.52 -14.88 18.38
CA ALA B 20 -0.69 -15.99 19.31
C ALA B 20 0.24 -17.15 18.98
N ARG B 21 0.53 -17.37 17.70
CA ARG B 21 1.49 -18.38 17.31
C ARG B 21 2.87 -18.00 17.83
N MSE B 22 3.07 -16.71 18.06
CA MSE B 22 4.34 -16.21 18.58
C MSE B 22 4.31 -16.12 20.10
O MSE B 22 5.30 -15.72 20.73
CB MSE B 22 4.69 -14.86 17.95
CG MSE B 22 5.16 -14.98 16.52
SE MSE B 22 5.56 -13.26 15.69
CE MSE B 22 6.68 -12.50 17.09
N GLY B 23 3.19 -16.53 20.69
CA GLY B 23 3.05 -16.58 22.14
C GLY B 23 2.29 -15.43 22.74
N TYR B 24 1.73 -14.56 21.91
CA TYR B 24 1.00 -13.42 22.43
C TYR B 24 -0.50 -13.52 22.13
N GLY B 25 -1.28 -13.82 23.16
CA GLY B 25 -2.73 -13.83 23.06
C GLY B 25 -3.33 -12.66 23.83
N ASP B 26 -4.65 -12.68 24.02
CA ASP B 26 -5.37 -11.66 24.77
C ASP B 26 -4.92 -10.26 24.37
N ILE B 27 -4.88 -10.02 23.06
CA ILE B 27 -4.27 -8.82 22.50
C ILE B 27 -5.31 -7.82 21.95
N THR B 28 -5.03 -6.53 22.11
CA THR B 28 -5.93 -5.48 21.62
C THR B 28 -5.27 -4.70 20.47
N SER B 29 -5.86 -4.78 19.28
CA SER B 29 -5.29 -4.13 18.11
C SER B 29 -5.77 -2.69 17.96
N GLY B 30 -5.45 -2.09 16.83
CA GLY B 30 -5.87 -0.73 16.53
C GLY B 30 -6.10 -0.52 15.05
N SER B 31 -6.70 0.61 14.68
CA SER B 31 -7.05 0.86 13.30
C SER B 31 -7.18 2.35 13.00
N ILE B 32 -7.15 2.69 11.72
CA ILE B 32 -7.67 3.97 11.27
C ILE B 32 -8.69 3.68 10.17
N TYR B 33 -9.96 3.92 10.49
CA TYR B 33 -11.04 3.56 9.60
C TYR B 33 -11.74 4.83 9.15
N ASN B 34 -11.72 5.07 7.85
CA ASN B 34 -12.24 6.31 7.27
C ASN B 34 -11.54 7.51 7.90
N GLY B 35 -10.22 7.40 8.06
CA GLY B 35 -9.44 8.47 8.65
C GLY B 35 -9.58 8.65 10.16
N VAL B 36 -10.45 7.85 10.78
CA VAL B 36 -10.66 7.97 12.22
C VAL B 36 -9.87 6.93 12.98
N PRO B 37 -8.79 7.37 13.67
CA PRO B 37 -7.93 6.43 14.37
C PRO B 37 -8.63 5.82 15.57
N THR B 38 -8.58 4.50 15.69
CA THR B 38 -9.10 3.85 16.89
C THR B 38 -7.92 3.22 17.59
N ILE B 39 -7.51 3.81 18.70
CA ILE B 39 -6.35 3.32 19.43
C ILE B 39 -6.59 3.39 20.93
N ASP B 40 -6.40 2.26 21.60
CA ASP B 40 -6.47 2.22 23.04
C ASP B 40 -5.09 2.59 23.54
N THR B 41 -4.98 3.70 24.25
CA THR B 41 -3.69 4.21 24.69
C THR B 41 -3.23 3.44 25.92
N GLY B 42 -4.17 3.19 26.82
CA GLY B 42 -3.87 2.46 28.04
C GLY B 42 -3.69 0.97 27.80
N ALA B 43 -4.61 0.38 27.07
CA ALA B 43 -4.59 -1.08 26.93
C ALA B 43 -3.67 -1.54 25.80
N LEU B 44 -2.66 -2.28 26.21
CA LEU B 44 -1.67 -2.91 25.35
C LEU B 44 -0.76 -1.91 24.64
N ASN B 45 -1.11 -0.64 24.57
CA ASN B 45 -0.14 0.28 24.01
C ASN B 45 0.84 0.62 25.10
N ARG B 46 0.31 0.81 26.30
CA ARG B 46 1.14 0.99 27.47
C ARG B 46 1.89 -0.31 27.73
N GLN B 47 1.30 -1.43 27.31
CA GLN B 47 2.02 -2.70 27.43
C GLN B 47 2.07 -3.59 26.17
N GLY B 48 3.22 -3.72 25.52
CA GLY B 48 4.21 -2.66 25.41
C GLY B 48 4.21 -2.17 23.96
N PHE B 49 3.22 -2.61 23.19
CA PHE B 49 3.14 -2.36 21.75
C PHE B 49 1.71 -2.47 21.24
N MSE B 50 1.53 -2.29 19.94
CA MSE B 50 0.23 -2.52 19.32
C MSE B 50 0.31 -2.32 17.82
O MSE B 50 0.90 -1.35 17.34
CB MSE B 50 -0.83 -1.58 19.92
CG MSE B 50 -1.95 -1.14 18.98
SE MSE B 50 -3.20 0.14 19.81
CE MSE B 50 -3.61 -0.85 21.44
N PRO B 51 -0.28 -3.27 17.07
CA PRO B 51 -0.45 -3.15 15.62
C PRO B 51 -1.61 -2.22 15.33
N VAL B 52 -1.48 -1.42 14.29
CA VAL B 52 -2.56 -0.51 13.92
C VAL B 52 -2.76 -0.67 12.42
N LEU B 53 -3.96 -1.06 12.03
CA LEU B 53 -4.23 -1.31 10.62
C LEU B 53 -4.79 -0.03 9.99
N THR B 54 -3.99 0.59 9.13
CA THR B 54 -4.32 1.86 8.53
C THR B 54 -5.07 1.65 7.22
N GLY B 55 -5.43 2.74 6.54
CA GLY B 55 -5.99 2.66 5.20
C GLY B 55 -7.22 1.81 5.05
N VAL B 56 -7.98 1.68 6.13
CA VAL B 56 -9.22 0.91 6.13
C VAL B 56 -10.42 1.85 6.06
N GLY B 57 -11.45 1.47 5.32
CA GLY B 57 -12.61 2.32 5.17
C GLY B 57 -13.86 1.60 4.70
N PRO B 58 -14.95 2.37 4.51
CA PRO B 58 -16.27 1.93 4.05
C PRO B 58 -16.20 1.30 2.67
N HIS B 59 -15.08 1.55 2.00
CA HIS B 59 -14.81 1.05 0.67
C HIS B 59 -13.59 0.13 0.67
N ARG B 60 -12.43 0.66 1.07
CA ARG B 60 -11.23 -0.16 1.04
C ARG B 60 -11.32 -1.18 2.18
N ASP B 61 -11.31 -2.45 1.80
CA ASP B 61 -11.44 -3.56 2.75
C ASP B 61 -10.11 -3.91 3.40
N SER B 62 -9.05 -3.92 2.60
CA SER B 62 -7.73 -4.24 3.11
C SER B 62 -6.87 -2.98 3.18
N GLY B 63 -6.38 -2.69 4.37
CA GLY B 63 -5.65 -1.46 4.63
C GLY B 63 -4.16 -1.69 4.61
N HIS B 64 -3.44 -0.96 5.46
CA HIS B 64 -2.01 -1.20 5.65
C HIS B 64 -1.67 -1.32 7.13
N TRP B 65 -1.02 -2.43 7.51
CA TRP B 65 -0.62 -2.65 8.89
C TRP B 65 0.69 -1.92 9.22
N ILE B 66 0.69 -1.19 10.33
CA ILE B 66 1.93 -0.70 10.92
C ILE B 66 1.96 -1.14 12.37
N MSE B 67 2.99 -0.73 13.10
CA MSE B 67 3.14 -1.11 14.49
C MSE B 67 3.50 0.08 15.36
O MSE B 67 4.36 0.88 14.99
CB MSE B 67 4.20 -2.20 14.64
CG MSE B 67 4.51 -2.58 16.07
SE MSE B 67 3.17 -3.77 16.84
CE MSE B 67 4.40 -5.12 17.55
N LEU B 68 2.85 0.19 16.52
CA LEU B 68 3.23 1.18 17.50
C LEU B 68 4.10 0.51 18.56
N ILE B 69 5.23 1.12 18.89
CA ILE B 69 6.14 0.57 19.89
C ILE B 69 6.42 1.58 21.01
N LYS B 70 6.26 1.15 22.26
CA LYS B 70 6.46 2.04 23.40
C LYS B 70 7.87 2.00 23.95
N GLY B 71 8.56 3.15 23.91
CA GLY B 71 9.89 3.28 24.44
C GLY B 71 9.95 4.04 25.75
N PRO B 72 11.15 4.13 26.34
CA PRO B 72 11.35 4.86 27.59
C PRO B 72 11.44 6.38 27.43
N GLY B 73 11.02 7.13 28.45
CA GLY B 73 9.96 6.65 29.32
C GLY B 73 8.70 7.24 28.72
N ASN B 74 8.89 8.36 28.03
CA ASN B 74 7.84 9.00 27.23
C ASN B 74 7.87 8.76 25.72
N GLN B 75 8.86 8.06 25.20
CA GLN B 75 9.02 8.02 23.75
C GLN B 75 8.36 6.82 23.05
N TYR B 76 7.78 7.09 21.88
CA TYR B 76 7.14 6.04 21.10
C TYR B 76 7.80 5.92 19.73
N TYR B 77 7.62 4.76 19.10
CA TYR B 77 8.14 4.55 17.75
C TYR B 77 7.05 4.01 16.85
N LEU B 78 7.24 4.20 15.55
CA LEU B 78 6.30 3.69 14.56
C LEU B 78 7.09 2.86 13.57
N PHE B 79 6.85 1.55 13.55
CA PHE B 79 7.49 0.69 12.57
C PHE B 79 6.57 0.42 11.38
N ASP B 80 7.01 0.84 10.20
CA ASP B 80 6.29 0.53 8.98
C ASP B 80 7.15 -0.34 8.06
N PRO B 81 6.73 -1.61 7.89
CA PRO B 81 7.44 -2.57 7.03
C PRO B 81 7.69 -2.04 5.63
N LEU B 82 6.84 -1.12 5.16
CA LEU B 82 7.03 -0.53 3.84
C LEU B 82 8.06 0.62 3.75
N GLY B 83 8.35 1.28 4.87
CA GLY B 83 9.41 2.28 4.84
C GLY B 83 9.27 3.45 5.79
N LYS B 84 10.27 4.33 5.76
CA LYS B 84 10.23 5.62 6.45
C LYS B 84 8.95 6.36 6.08
N THR B 85 8.72 6.48 4.78
CA THR B 85 7.41 6.83 4.22
C THR B 85 6.83 5.54 3.66
N SER B 86 5.57 5.24 3.94
CA SER B 86 4.57 6.20 4.40
C SER B 86 4.47 6.37 5.91
N GLY B 87 5.40 5.78 6.66
CA GLY B 87 5.37 5.86 8.11
C GLY B 87 5.11 7.25 8.66
N GLU B 88 5.67 8.27 8.02
CA GLU B 88 5.37 9.65 8.42
C GLU B 88 3.98 10.11 7.98
N GLY B 89 3.41 9.44 6.99
CA GLY B 89 2.06 9.76 6.52
C GLY B 89 1.05 9.20 7.49
N TYR B 90 1.52 8.26 8.30
CA TYR B 90 0.76 7.68 9.41
C TYR B 90 1.12 8.34 10.74
N GLN B 91 2.05 9.28 10.71
CA GLN B 91 2.66 9.79 11.94
C GLN B 91 1.79 10.78 12.73
N ASN B 92 1.59 11.96 12.17
CA ASN B 92 0.92 13.05 12.89
C ASN B 92 -0.45 12.69 13.47
N ILE B 93 -1.20 11.85 12.76
CA ILE B 93 -2.53 11.46 13.22
C ILE B 93 -2.45 10.58 14.47
N LEU B 94 -1.44 9.71 14.52
CA LEU B 94 -1.28 8.76 15.62
C LEU B 94 -0.66 9.40 16.85
N ALA B 95 0.18 10.40 16.64
CA ALA B 95 0.82 11.12 17.72
C ALA B 95 -0.22 11.87 18.55
N ALA B 96 -1.35 12.17 17.93
CA ALA B 96 -2.46 12.82 18.61
C ALA B 96 -3.19 11.83 19.51
N GLN B 97 -3.00 10.54 19.23
CA GLN B 97 -3.64 9.49 20.01
C GLN B 97 -2.78 9.08 21.20
N LEU B 98 -1.55 9.57 21.23
CA LEU B 98 -0.62 9.31 22.33
C LEU B 98 -0.80 10.36 23.43
N PRO B 99 -0.36 10.07 24.66
CA PRO B 99 -0.61 11.02 25.76
C PRO B 99 0.17 12.32 25.63
N MSE B 100 -0.02 13.20 26.61
CA MSE B 100 0.62 14.52 26.64
C MSE B 100 2.15 14.46 26.63
O MSE B 100 2.75 13.67 27.35
CB MSE B 100 0.16 15.25 27.91
CG MSE B 100 -1.24 15.81 27.84
SE MSE B 100 -1.37 17.23 26.54
CE MSE B 100 -2.66 18.34 27.48
N GLY B 101 2.77 15.29 25.79
CA GLY B 101 4.22 15.39 25.75
C GLY B 101 4.93 14.10 25.38
N SER B 102 4.27 13.27 24.61
CA SER B 102 4.84 12.01 24.16
C SER B 102 5.36 12.18 22.74
N THR B 103 6.54 11.61 22.48
CA THR B 103 7.18 11.76 21.17
C THR B 103 6.97 10.52 20.31
N LEU B 104 6.56 10.75 19.06
CA LEU B 104 6.44 9.66 18.10
C LEU B 104 7.51 9.81 17.03
N SER B 105 8.50 8.92 17.06
CA SER B 105 9.59 8.95 16.10
C SER B 105 9.51 7.74 15.20
N VAL B 106 9.75 7.93 13.90
CA VAL B 106 9.61 6.84 12.94
C VAL B 106 10.92 6.12 12.64
N ILE B 107 10.89 4.81 12.79
CA ILE B 107 12.04 3.95 12.50
C ILE B 107 12.45 4.06 11.04
N PRO B 108 13.75 4.34 10.81
CA PRO B 108 14.35 4.56 9.48
C PRO B 108 14.74 3.27 8.77
N ASN B 109 13.75 2.45 8.44
CA ASN B 109 13.99 1.18 7.77
C ASN B 109 13.63 1.24 6.29
N GLY B 110 13.85 0.13 5.59
CA GLY B 110 13.55 0.04 4.18
C GLY B 110 12.14 -0.46 3.92
N SER B 111 11.90 -0.95 2.70
CA SER B 111 10.56 -1.32 2.27
C SER B 111 10.19 -2.78 2.39
N GLY B 112 11.11 -3.62 2.86
CA GLY B 112 10.87 -5.05 2.74
C GLY B 112 10.88 -5.30 1.24
N LEU B 113 9.77 -5.81 0.72
CA LEU B 113 9.56 -5.89 -0.71
C LEU B 113 9.67 -4.51 -1.39
N ASN B 114 10.11 -4.47 -2.64
CA ASN B 114 10.29 -3.22 -3.39
C ASN B 114 9.00 -2.77 -4.07
N MSE B 115 8.52 -1.59 -3.69
CA MSE B 115 7.25 -1.06 -4.17
C MSE B 115 7.40 -0.32 -5.50
O MSE B 115 6.42 0.13 -6.09
CB MSE B 115 6.63 -0.12 -3.14
CG MSE B 115 6.23 -0.80 -1.85
SE MSE B 115 5.06 -2.33 -2.16
CE MSE B 115 3.52 -1.36 -2.84
N GLY B 116 8.65 -0.20 -5.96
CA GLY B 116 8.91 0.39 -7.26
C GLY B 116 8.37 -0.53 -8.33
N LEU B 117 8.14 -1.79 -7.95
CA LEU B 117 7.63 -2.78 -8.88
C LEU B 117 6.25 -2.39 -9.42
N CYS B 118 5.42 -1.82 -8.57
CA CYS B 118 4.04 -1.45 -8.94
C CYS B 118 3.97 -0.52 -10.16
N GLY B 119 4.91 0.43 -10.24
CA GLY B 119 4.96 1.32 -11.38
C GLY B 119 5.32 0.58 -12.66
N TYR B 120 6.29 -0.31 -12.56
CA TYR B 120 6.67 -1.17 -13.68
C TYR B 120 5.46 -1.93 -14.20
N TRP B 121 4.61 -2.36 -13.27
CA TRP B 121 3.42 -3.12 -13.60
C TRP B 121 2.26 -2.29 -14.12
N VAL B 122 2.04 -1.12 -13.51
CA VAL B 122 1.02 -0.20 -13.98
C VAL B 122 1.22 0.15 -15.45
N ALA B 123 2.47 0.34 -15.86
CA ALA B 123 2.78 0.55 -17.27
C ALA B 123 2.71 -0.75 -18.07
N SER B 124 3.62 -1.68 -17.79
CA SER B 124 3.71 -2.94 -18.54
C SER B 124 2.37 -3.67 -18.67
N ALA B 125 1.83 -4.13 -17.55
CA ALA B 125 0.56 -4.83 -17.55
C ALA B 125 -0.59 -3.95 -18.05
N GLY B 126 -0.58 -2.68 -17.63
CA GLY B 126 -1.65 -1.75 -17.95
C GLY B 126 -1.81 -1.47 -19.44
N LEU B 127 -0.69 -1.40 -20.13
CA LEU B 127 -0.70 -1.22 -21.58
C LEU B 127 -1.06 -2.53 -22.24
N ARG B 128 -0.64 -3.63 -21.61
CA ARG B 128 -0.99 -4.96 -22.08
C ARG B 128 -2.48 -5.23 -21.88
N ALA B 129 -3.05 -4.62 -20.84
CA ALA B 129 -4.49 -4.72 -20.59
C ALA B 129 -5.29 -3.83 -21.54
N HIS B 130 -4.78 -2.64 -21.82
CA HIS B 130 -5.41 -1.74 -22.77
C HIS B 130 -5.52 -2.40 -24.13
N GLN B 131 -4.46 -3.12 -24.50
CA GLN B 131 -4.42 -3.87 -25.74
C GLN B 131 -5.45 -4.99 -25.74
N ALA B 132 -5.53 -5.71 -24.63
CA ALA B 132 -6.37 -6.89 -24.52
C ALA B 132 -7.86 -6.60 -24.71
N LEU B 133 -8.22 -5.33 -24.68
CA LEU B 133 -9.56 -4.92 -25.09
C LEU B 133 -9.55 -4.45 -26.56
N ASN B 134 -10.28 -5.19 -27.37
CA ASN B 134 -9.78 -5.69 -28.64
C ASN B 134 -10.90 -5.98 -29.63
N GLN B 135 -10.59 -6.70 -30.70
CA GLN B 135 -11.58 -7.16 -31.65
CA GLN B 135 -11.60 -7.15 -31.64
C GLN B 135 -12.42 -8.26 -30.99
N HIS B 136 -11.79 -9.40 -30.74
CA HIS B 136 -12.46 -10.43 -29.96
C HIS B 136 -11.69 -10.59 -28.66
N ASN B 137 -12.33 -10.13 -27.58
CA ASN B 137 -11.60 -9.83 -26.36
C ASN B 137 -12.01 -10.72 -25.21
N PRO B 138 -11.06 -11.04 -24.33
CA PRO B 138 -11.29 -11.93 -23.20
C PRO B 138 -12.30 -11.33 -22.23
N PRO B 139 -12.91 -12.16 -21.38
CA PRO B 139 -13.74 -11.62 -20.30
C PRO B 139 -12.83 -10.98 -19.29
N THR B 140 -13.37 -10.15 -18.40
CA THR B 140 -12.51 -9.36 -17.52
C THR B 140 -12.02 -10.23 -16.39
N LEU B 141 -12.48 -11.48 -16.35
CA LEU B 141 -11.93 -12.46 -15.43
C LEU B 141 -10.64 -13.07 -15.98
N LEU B 142 -10.76 -13.75 -17.12
CA LEU B 142 -9.61 -14.35 -17.77
C LEU B 142 -8.58 -13.34 -18.25
N ASN B 143 -9.04 -12.19 -18.75
CA ASN B 143 -8.17 -11.21 -19.41
C ASN B 143 -6.93 -10.90 -18.59
N VAL B 144 -7.18 -10.68 -17.31
CA VAL B 144 -6.22 -10.13 -16.40
C VAL B 144 -6.19 -11.03 -15.19
N GLY B 145 -7.34 -11.13 -14.54
CA GLY B 145 -7.45 -11.74 -13.23
C GLY B 145 -6.74 -13.07 -13.07
N GLN B 146 -6.93 -13.98 -14.02
CA GLN B 146 -6.05 -15.14 -14.08
C GLN B 146 -4.75 -14.78 -14.81
N THR B 147 -4.85 -14.01 -15.89
CA THR B 147 -3.74 -13.82 -16.81
C THR B 147 -2.64 -12.86 -16.38
N ILE B 148 -3.00 -11.67 -15.89
CA ILE B 148 -1.94 -10.71 -15.55
C ILE B 148 -1.40 -10.90 -14.13
N THR B 149 -1.93 -11.88 -13.41
CA THR B 149 -1.26 -12.36 -12.20
C THR B 149 -0.22 -13.39 -12.60
N ASN B 150 -0.32 -13.88 -13.83
CA ASN B 150 0.71 -14.79 -14.30
C ASN B 150 2.02 -14.06 -14.56
N GLU B 151 2.01 -13.02 -15.40
CA GLU B 151 3.26 -12.33 -15.71
C GLU B 151 3.79 -11.65 -14.46
N MSE B 152 2.89 -10.95 -13.80
CA MSE B 152 3.23 -10.15 -12.63
C MSE B 152 3.91 -11.01 -11.56
O MSE B 152 4.94 -10.60 -11.00
CB MSE B 152 1.96 -9.51 -12.08
CG MSE B 152 2.18 -8.41 -11.05
SE MSE B 152 0.71 -7.16 -11.12
CE MSE B 152 -0.74 -8.43 -10.93
N ARG B 153 3.33 -12.15 -11.26
CA ARG B 153 3.90 -13.05 -10.26
C ARG B 153 4.92 -14.07 -10.78
N ASN B 154 4.96 -14.28 -12.09
CA ASN B 154 5.99 -15.16 -12.65
C ASN B 154 7.24 -14.40 -13.09
N GLU B 155 7.16 -13.07 -13.11
CA GLU B 155 8.37 -12.27 -13.20
C GLU B 155 8.59 -11.76 -11.79
N LEU B 156 9.58 -12.33 -11.13
CA LEU B 156 9.80 -12.20 -9.69
C LEU B 156 10.67 -13.37 -9.27
#